data_6I58
#
_entry.id   6I58
#
_cell.length_a   80.760
_cell.length_b   80.760
_cell.length_c   251.060
_cell.angle_alpha   90.00
_cell.angle_beta   90.00
_cell.angle_gamma   90.00
#
_symmetry.space_group_name_H-M   'P 43 21 2'
#
loop_
_entity.id
_entity.type
_entity.pdbx_description
1 polymer 'Coagulation factor XI'
2 branched 2-acetamido-2-deoxy-beta-D-glucopyranose-(1-4)-2-acetamido-2-deoxy-beta-D-glucopyranose
3 non-polymer 'CHLORIDE ION'
4 non-polymer DI(HYDROXYETHYL)ETHER
5 non-polymer 2-acetamido-2-deoxy-beta-D-glucopyranose
6 water water
#
_entity_poly.entity_id   1
_entity_poly.type   'polypeptide(L)'
_entity_poly.pdbx_seq_one_letter_code
;ECVTQLLKDTCFEGGDITTVFTPSAKYCQVVCTYHPRCLLFTFTAESPSEDPTRWFTCVLKDSVTETLPRVNRTAAISGY
SFKQCSHQISACNKDIYVDLDMKGINYNSSVAKSAQECQERCTDDVHCHFFTYATRQFPSLEHRNICLLKHTQTGTPTRI
TKLDKVVSGFSLKSCALSNLACIRDIFPNTVFADSNIDSVMAPDAFVCGRICTHHPGCLFFTFFSQEWPKESQRNLCLLK
TSESGLPSTRIKKSKALSGFSLQSCRHSIPVFCHSSFYHDTDFLGEELDIVAAKSHEACQKLCTNAVRCQFFTYTPAQAS
CNEGKGKCYLKLSSNGSPTKILHGRGGISGYTLRLCKMDNECTTKIKPRIVGGTASVRGEWPWQVTLHTTSPTQRHLCGG
SIIGNQWILTAAHCFYGVESPKILRVYSGILNQSEIKEDTSFFGVQEIIIHDQYKMAESGYDIALLKLETTVNYTDSQRP
ICLPSKGDRNVIYTDCWVTGWGYRKLRDKIQNTLQKAKIPLVTNEECQKRYRGHKITHKMICAGYREGGKDACKGDSGGP
LSCKHNEVWHLVGITSWGEGCAQRERPGVYTNVVEYVDWILEKTQAV
;
_entity_poly.pdbx_strand_id   A
#
# COMPACT_ATOMS: atom_id res chain seq x y z
N CYS A 2 4.31 21.08 -6.62
CA CYS A 2 2.86 20.86 -6.97
C CYS A 2 1.94 21.64 -6.05
N VAL A 3 0.66 21.73 -6.43
CA VAL A 3 -0.35 22.46 -5.65
C VAL A 3 -1.30 21.48 -4.93
N THR A 4 -1.15 21.39 -3.61
CA THR A 4 -1.93 20.48 -2.76
C THR A 4 -3.14 21.13 -2.14
N GLN A 5 -3.05 22.44 -1.97
CA GLN A 5 -4.01 23.21 -1.18
C GLN A 5 -5.19 23.55 -2.07
N LEU A 6 -6.35 23.66 -1.47
CA LEU A 6 -7.57 23.82 -2.22
C LEU A 6 -7.78 25.30 -2.52
N LEU A 7 -8.87 25.60 -3.26
CA LEU A 7 -9.21 26.94 -3.66
C LEU A 7 -10.65 27.29 -3.20
N LYS A 8 -10.76 28.14 -2.18
CA LYS A 8 -12.07 28.55 -1.65
C LYS A 8 -12.81 29.33 -2.72
N ASP A 9 -14.11 29.07 -2.84
CA ASP A 9 -15.00 29.73 -3.79
C ASP A 9 -14.47 29.85 -5.22
N THR A 10 -14.14 28.71 -5.82
CA THR A 10 -13.57 28.69 -7.16
C THR A 10 -14.05 27.47 -7.94
N CYS A 11 -14.42 27.71 -9.20
CA CYS A 11 -14.87 26.69 -10.14
C CYS A 11 -13.92 26.75 -11.34
N PHE A 12 -13.47 25.57 -11.79
CA PHE A 12 -12.62 25.47 -12.99
C PHE A 12 -13.55 25.29 -14.18
N GLU A 13 -13.49 26.17 -15.17
CA GLU A 13 -14.52 26.16 -16.20
C GLU A 13 -14.22 25.11 -17.30
N GLY A 14 -15.04 24.05 -17.34
CA GLY A 14 -15.27 23.31 -18.58
C GLY A 14 -14.64 21.95 -18.91
N GLY A 15 -13.55 21.56 -18.28
CA GLY A 15 -12.80 20.38 -18.79
C GLY A 15 -13.31 18.99 -18.40
N ASP A 16 -14.63 18.87 -18.24
CA ASP A 16 -15.25 17.74 -17.58
C ASP A 16 -14.90 16.40 -18.21
N ILE A 17 -14.63 15.42 -17.35
CA ILE A 17 -14.50 14.02 -17.72
C ILE A 17 -15.72 13.30 -17.20
N THR A 18 -16.00 13.44 -15.92
CA THR A 18 -17.12 12.78 -15.31
C THR A 18 -17.48 13.50 -14.00
N THR A 19 -18.51 13.00 -13.36
CA THR A 19 -19.06 13.65 -12.18
C THR A 19 -19.44 12.58 -11.20
N VAL A 20 -18.98 12.72 -9.96
CA VAL A 20 -19.24 11.72 -8.93
C VAL A 20 -19.69 12.46 -7.71
N PHE A 21 -20.00 11.71 -6.67
CA PHE A 21 -20.44 12.29 -5.42
C PHE A 21 -19.46 11.97 -4.35
N THR A 22 -18.98 12.99 -3.66
CA THR A 22 -18.06 12.87 -2.56
C THR A 22 -18.52 13.62 -1.30
N PRO A 23 -18.14 13.12 -0.12
CA PRO A 23 -18.53 13.83 1.08
C PRO A 23 -17.90 15.21 1.21
N SER A 24 -16.68 15.37 0.70
CA SER A 24 -15.95 16.62 0.79
C SER A 24 -15.03 16.79 -0.40
N ALA A 25 -14.63 18.03 -0.62
CA ALA A 25 -13.60 18.40 -1.56
C ALA A 25 -12.27 17.69 -1.32
N LYS A 26 -11.89 17.54 -0.06
CA LYS A 26 -10.63 16.86 0.29
C LYS A 26 -10.55 15.41 -0.28
N TYR A 27 -11.67 14.71 -0.28
CA TYR A 27 -11.80 13.37 -0.81
C TYR A 27 -12.08 13.44 -2.33
N CYS A 28 -12.79 14.47 -2.79
CA CYS A 28 -12.85 14.75 -4.23
C CYS A 28 -11.40 14.73 -4.81
N GLN A 29 -10.49 15.45 -4.15
CA GLN A 29 -9.08 15.49 -4.54
C GLN A 29 -8.39 14.10 -4.63
N VAL A 30 -8.78 13.22 -3.73
CA VAL A 30 -8.28 11.84 -3.74
C VAL A 30 -8.84 11.10 -4.92
N VAL A 31 -10.14 11.21 -5.16
CA VAL A 31 -10.76 10.61 -6.31
C VAL A 31 -10.09 11.02 -7.61
N CYS A 32 -9.84 12.32 -7.73
CA CYS A 32 -9.16 12.92 -8.87
C CYS A 32 -7.75 12.39 -9.05
N THR A 33 -7.06 12.24 -7.93
CA THR A 33 -5.68 11.82 -7.95
C THR A 33 -5.61 10.40 -8.49
N TYR A 34 -6.52 9.54 -8.03
CA TYR A 34 -6.53 8.13 -8.35
C TYR A 34 -7.23 7.75 -9.69
N HIS A 35 -7.98 8.68 -10.27
CA HIS A 35 -8.63 8.46 -11.54
C HIS A 35 -7.55 8.75 -12.60
N PRO A 36 -7.51 7.96 -13.68
CA PRO A 36 -6.35 7.99 -14.58
C PRO A 36 -6.20 9.19 -15.47
N ARG A 37 -7.21 10.02 -15.56
CA ARG A 37 -7.08 11.24 -16.36
C ARG A 37 -7.22 12.55 -15.60
N CYS A 38 -7.88 12.55 -14.44
CA CYS A 38 -8.20 13.78 -13.75
C CYS A 38 -6.95 14.52 -13.32
N LEU A 39 -6.95 15.82 -13.59
CA LEU A 39 -5.83 16.70 -13.24
C LEU A 39 -6.31 17.78 -12.27
N LEU A 40 -7.53 18.26 -12.48
CA LEU A 40 -8.13 19.29 -11.63
C LEU A 40 -9.61 19.00 -11.43
N PHE A 41 -10.24 19.67 -10.47
CA PHE A 41 -11.65 19.44 -10.19
C PHE A 41 -12.37 20.60 -9.49
N THR A 42 -13.65 20.38 -9.23
CA THR A 42 -14.52 21.32 -8.58
C THR A 42 -15.59 20.55 -7.80
N PHE A 43 -15.47 20.65 -6.48
CA PHE A 43 -16.45 20.14 -5.53
C PHE A 43 -17.47 21.23 -5.27
N THR A 44 -18.70 20.82 -4.97
CA THR A 44 -19.78 21.76 -4.61
C THR A 44 -20.18 21.46 -3.15
N ALA A 45 -19.88 22.39 -2.25
CA ALA A 45 -20.26 22.25 -0.83
C ALA A 45 -21.76 22.51 -0.55
N GLU A 46 -22.20 22.06 0.62
CA GLU A 46 -23.57 22.32 1.13
C GLU A 46 -23.75 23.79 1.30
N SER A 47 -24.83 24.35 0.78
CA SER A 47 -24.95 25.80 0.71
C SER A 47 -26.36 26.26 0.32
N PRO A 48 -26.83 27.37 0.94
CA PRO A 48 -28.10 27.97 0.53
C PRO A 48 -28.10 28.38 -0.94
N SER A 49 -26.95 28.90 -1.41
CA SER A 49 -26.77 29.36 -2.80
C SER A 49 -26.76 28.26 -3.88
N GLU A 50 -26.88 27.00 -3.47
CA GLU A 50 -27.01 25.88 -4.37
C GLU A 50 -28.17 24.98 -3.90
N ASP A 51 -28.94 24.48 -4.86
CA ASP A 51 -29.97 23.49 -4.59
C ASP A 51 -29.35 22.20 -4.07
N PRO A 52 -30.11 21.44 -3.25
CA PRO A 52 -29.57 20.19 -2.67
C PRO A 52 -29.13 19.08 -3.64
N THR A 53 -29.61 19.08 -4.89
CA THR A 53 -29.26 18.04 -5.87
C THR A 53 -27.85 18.16 -6.40
N ARG A 54 -27.29 19.37 -6.33
CA ARG A 54 -25.94 19.68 -6.81
C ARG A 54 -24.88 19.64 -5.69
N TRP A 55 -25.32 19.49 -4.45
CA TRP A 55 -24.40 19.32 -3.31
C TRP A 55 -23.63 18.03 -3.44
N PHE A 56 -22.38 18.05 -2.99
CA PHE A 56 -21.50 16.88 -2.98
C PHE A 56 -21.14 16.42 -4.38
N THR A 57 -21.20 17.33 -5.34
CA THR A 57 -20.85 17.01 -6.70
C THR A 57 -19.35 17.23 -6.80
N CYS A 58 -18.69 16.26 -7.43
CA CYS A 58 -17.24 16.23 -7.62
C CYS A 58 -17.01 16.02 -9.09
N VAL A 59 -16.66 17.10 -9.78
CA VAL A 59 -16.46 17.12 -11.21
C VAL A 59 -15.00 16.93 -11.48
N LEU A 60 -14.64 15.79 -12.07
CA LEU A 60 -13.25 15.46 -12.41
C LEU A 60 -13.00 16.08 -13.77
N LYS A 61 -11.85 16.72 -13.95
CA LYS A 61 -11.55 17.49 -15.15
C LYS A 61 -10.16 17.23 -15.67
N ASP A 62 -9.98 17.43 -16.98
CA ASP A 62 -8.70 17.32 -17.65
C ASP A 62 -8.54 18.54 -18.54
N SER A 63 -7.28 18.87 -18.81
CA SER A 63 -6.93 20.00 -19.64
C SER A 63 -5.62 19.70 -20.28
N VAL A 64 -5.45 20.19 -21.48
CA VAL A 64 -4.28 19.85 -22.30
C VAL A 64 -3.12 20.63 -21.77
N THR A 65 -3.42 21.76 -21.14
CA THR A 65 -2.44 22.72 -20.61
C THR A 65 -2.13 22.47 -19.15
N GLU A 66 -2.83 21.51 -18.53
CA GLU A 66 -2.73 21.18 -17.10
C GLU A 66 -3.45 22.16 -16.17
N THR A 67 -4.25 23.08 -16.72
CA THR A 67 -5.11 23.94 -15.90
C THR A 67 -6.32 24.42 -16.66
N LEU A 68 -7.18 25.14 -15.95
CA LEU A 68 -8.39 25.68 -16.54
C LEU A 68 -8.62 27.09 -15.98
N PRO A 69 -9.49 27.87 -16.65
CA PRO A 69 -10.03 29.11 -16.12
C PRO A 69 -10.73 28.99 -14.77
N ARG A 70 -10.29 29.83 -13.83
CA ARG A 70 -10.89 29.96 -12.51
C ARG A 70 -11.94 31.08 -12.54
N VAL A 71 -13.21 30.74 -12.37
CA VAL A 71 -14.23 31.77 -12.15
C VAL A 71 -14.78 31.65 -10.73
N ASN A 72 -15.22 32.78 -10.18
CA ASN A 72 -15.73 32.86 -8.81
C ASN A 72 -17.11 32.17 -8.65
N ARG A 73 -17.25 31.34 -7.61
CA ARG A 73 -18.56 30.78 -7.23
C ARG A 73 -18.56 30.44 -5.77
N THR A 74 -19.64 30.78 -5.09
CA THR A 74 -19.72 30.57 -3.66
C THR A 74 -20.00 29.07 -3.42
N ALA A 75 -19.24 28.50 -2.48
CA ALA A 75 -19.34 27.08 -2.09
C ALA A 75 -18.82 26.08 -3.15
N ALA A 76 -18.07 26.57 -4.13
CA ALA A 76 -17.35 25.72 -5.06
C ALA A 76 -15.95 25.63 -4.52
N ILE A 77 -15.49 24.42 -4.21
CA ILE A 77 -14.10 24.21 -3.81
C ILE A 77 -13.42 23.53 -4.98
N SER A 78 -12.30 24.08 -5.43
CA SER A 78 -11.55 23.52 -6.51
C SER A 78 -10.17 23.13 -6.07
N GLY A 79 -9.55 22.28 -6.89
CA GLY A 79 -8.21 21.83 -6.62
C GLY A 79 -7.56 21.05 -7.72
N TYR A 80 -6.29 20.71 -7.47
CA TYR A 80 -5.49 19.91 -8.38
C TYR A 80 -5.31 18.53 -7.79
N SER A 81 -4.95 17.60 -8.65
CA SER A 81 -4.68 16.23 -8.26
C SER A 81 -3.31 16.20 -7.61
N PHE A 82 -2.95 15.09 -7.02
CA PHE A 82 -1.64 14.92 -6.45
C PHE A 82 -0.72 14.18 -7.40
N LYS A 83 -1.16 13.90 -8.63
CA LYS A 83 -0.28 13.26 -9.65
C LYS A 83 1.05 13.98 -9.80
N GLN A 84 0.96 15.31 -9.79
CA GLN A 84 2.10 16.21 -9.99
C GLN A 84 3.15 16.26 -8.83
N CYS A 85 2.93 15.47 -7.75
CA CYS A 85 3.62 15.63 -6.47
C CYS A 85 4.64 14.55 -6.15
N SER A 86 5.65 14.97 -5.40
CA SER A 86 6.75 14.11 -4.96
C SER A 86 6.43 13.42 -3.61
N HIS A 87 5.57 14.04 -2.80
CA HIS A 87 5.12 13.48 -1.53
C HIS A 87 4.24 12.24 -1.77
N GLN A 88 4.26 11.31 -0.82
CA GLN A 88 3.44 10.08 -0.88
C GLN A 88 1.92 10.32 -0.86
N ILE A 89 1.16 9.32 -1.32
CA ILE A 89 -0.30 9.41 -1.53
C ILE A 89 -1.02 8.28 -0.77
N SER A 90 -2.11 8.65 -0.07
CA SER A 90 -2.73 7.80 0.97
C SER A 90 -3.94 6.96 0.51
N ALA A 91 -5.01 7.62 0.08
CA ALA A 91 -6.23 6.91 -0.30
C ALA A 91 -7.11 6.53 0.92
N CYS A 92 -6.60 6.72 2.14
CA CYS A 92 -7.35 6.39 3.35
C CYS A 92 -8.01 7.55 4.11
N ASN A 93 -9.32 7.55 4.01
CA ASN A 93 -10.18 8.53 4.59
C ASN A 93 -10.82 7.92 5.85
N LYS A 94 -10.25 8.23 7.02
CA LYS A 94 -10.80 7.80 8.33
C LYS A 94 -12.08 8.55 8.85
N ASP A 95 -12.52 9.59 8.14
CA ASP A 95 -13.69 10.39 8.48
C ASP A 95 -14.99 9.61 8.70
N ILE A 96 -15.66 9.94 9.80
CA ILE A 96 -17.07 9.61 9.98
C ILE A 96 -17.80 10.92 9.72
N TYR A 97 -18.66 10.94 8.70
CA TYR A 97 -19.40 12.13 8.32
C TYR A 97 -20.75 12.11 9.05
N VAL A 98 -20.97 13.14 9.88
CA VAL A 98 -22.18 13.25 10.68
C VAL A 98 -23.31 13.82 9.83
N ASP A 99 -24.49 13.20 9.94
CA ASP A 99 -25.73 13.59 9.27
C ASP A 99 -25.71 13.42 7.77
N LEU A 100 -24.86 12.49 7.31
CA LEU A 100 -24.64 12.34 5.90
C LEU A 100 -25.09 10.95 5.55
N ASP A 101 -26.00 10.86 4.58
CA ASP A 101 -26.53 9.59 4.13
C ASP A 101 -25.96 9.42 2.76
N MET A 102 -25.11 8.41 2.62
CA MET A 102 -24.41 8.12 1.39
C MET A 102 -25.05 6.93 0.74
N LYS A 103 -25.64 7.16 -0.44
CA LYS A 103 -26.46 6.15 -1.04
C LYS A 103 -25.63 5.18 -1.91
N GLY A 104 -25.99 3.90 -1.84
CA GLY A 104 -25.51 2.88 -2.77
C GLY A 104 -26.39 1.66 -2.73
N ILE A 105 -25.92 0.57 -3.34
CA ILE A 105 -26.64 -0.69 -3.26
C ILE A 105 -26.48 -1.22 -1.86
N ASN A 106 -27.55 -1.20 -1.06
CA ASN A 106 -27.52 -1.75 0.32
C ASN A 106 -27.62 -3.27 0.22
N TYR A 107 -26.74 -4.00 0.90
CA TYR A 107 -26.68 -5.46 0.76
C TYR A 107 -26.68 -6.29 2.07
N ASN A 108 -26.30 -5.68 3.20
CA ASN A 108 -26.42 -6.31 4.53
C ASN A 108 -26.97 -5.21 5.39
N SER A 109 -27.82 -5.57 6.34
CA SER A 109 -28.41 -4.61 7.25
C SER A 109 -28.55 -5.20 8.65
N SER A 110 -27.53 -5.01 9.49
CA SER A 110 -27.50 -5.58 10.84
C SER A 110 -27.27 -4.54 11.94
N VAL A 111 -27.37 -5.00 13.20
CA VAL A 111 -27.31 -4.12 14.38
C VAL A 111 -25.86 -3.93 14.78
N ALA A 112 -25.54 -2.80 15.41
CA ALA A 112 -24.20 -2.52 15.83
C ALA A 112 -24.15 -1.55 16.99
N LYS A 113 -23.19 -1.78 17.88
CA LYS A 113 -23.00 -1.03 19.09
C LYS A 113 -22.69 0.44 18.81
N SER A 114 -21.96 0.72 17.73
CA SER A 114 -21.49 2.09 17.45
C SER A 114 -21.10 2.29 15.99
N ALA A 115 -20.86 3.54 15.61
CA ALA A 115 -20.32 3.82 14.30
C ALA A 115 -18.94 3.15 14.10
N GLN A 116 -18.09 3.17 15.12
CA GLN A 116 -16.78 2.52 15.02
C GLN A 116 -16.94 1.07 14.64
N GLU A 117 -17.86 0.35 15.28
CA GLU A 117 -18.05 -1.09 15.01
C GLU A 117 -18.61 -1.36 13.61
N CYS A 118 -19.49 -0.47 13.16
CA CYS A 118 -20.06 -0.53 11.83
C CYS A 118 -18.98 -0.26 10.74
N GLN A 119 -18.01 0.60 11.05
CA GLN A 119 -16.86 0.82 10.17
C GLN A 119 -15.94 -0.42 10.12
N GLU A 120 -15.62 -0.97 11.28
CA GLU A 120 -14.87 -2.24 11.40
C GLU A 120 -15.54 -3.35 10.59
N ARG A 121 -16.87 -3.37 10.59
CA ARG A 121 -17.63 -4.37 9.83
C ARG A 121 -17.55 -4.18 8.31
N CYS A 122 -17.74 -2.95 7.88
CA CYS A 122 -17.55 -2.57 6.48
C CYS A 122 -16.14 -2.93 6.02
N THR A 123 -15.16 -2.58 6.85
CA THR A 123 -13.77 -2.81 6.51
C THR A 123 -13.42 -4.28 6.36
N ASP A 124 -14.06 -5.11 7.19
CA ASP A 124 -13.73 -6.52 7.26
C ASP A 124 -14.54 -7.29 6.23
N ASP A 125 -15.42 -6.61 5.50
CA ASP A 125 -16.28 -7.26 4.52
C ASP A 125 -15.72 -7.19 3.09
N VAL A 126 -15.88 -8.28 2.36
CA VAL A 126 -15.38 -8.36 0.97
C VAL A 126 -15.96 -7.31 -0.01
N HIS A 127 -17.24 -6.99 0.13
CA HIS A 127 -17.96 -6.11 -0.75
C HIS A 127 -18.03 -4.65 -0.33
N CYS A 128 -17.72 -4.28 0.92
CA CYS A 128 -18.12 -2.95 1.41
C CYS A 128 -17.19 -1.80 0.94
N HIS A 129 -17.83 -0.76 0.44
CA HIS A 129 -17.19 0.45 -0.01
C HIS A 129 -17.38 1.53 1.03
N PHE A 130 -18.60 1.65 1.52
CA PHE A 130 -19.00 2.58 2.58
C PHE A 130 -20.24 2.11 3.34
N PHE A 131 -20.49 2.76 4.46
CA PHE A 131 -21.60 2.43 5.34
C PHE A 131 -22.38 3.66 5.73
N THR A 132 -23.62 3.41 6.15
CA THR A 132 -24.37 4.37 6.96
C THR A 132 -24.79 3.66 8.27
N TYR A 133 -24.64 4.39 9.39
CA TYR A 133 -24.97 3.92 10.75
C TYR A 133 -26.03 4.85 11.34
N ALA A 134 -27.20 4.26 11.63
CA ALA A 134 -28.26 4.97 12.34
C ALA A 134 -27.92 5.02 13.83
N THR A 135 -27.68 6.21 14.37
CA THR A 135 -27.31 6.32 15.78
C THR A 135 -28.49 5.98 16.69
N ARG A 136 -28.22 5.76 17.97
CA ARG A 136 -29.29 5.53 18.95
C ARG A 136 -30.32 6.66 19.04
N GLN A 137 -29.94 7.90 18.68
CA GLN A 137 -30.88 9.02 18.60
C GLN A 137 -31.78 9.09 17.35
N PHE A 138 -31.68 8.11 16.47
CA PHE A 138 -32.44 8.15 15.23
C PHE A 138 -33.91 7.87 15.58
N PRO A 139 -34.84 8.77 15.16
CA PRO A 139 -36.25 8.60 15.57
C PRO A 139 -36.90 7.22 15.44
N SER A 140 -36.91 6.64 14.23
CA SER A 140 -37.50 5.32 13.99
C SER A 140 -36.77 4.35 14.88
N LEU A 141 -37.46 3.80 15.88
CA LEU A 141 -36.91 2.73 16.73
C LEU A 141 -36.46 1.50 15.92
N GLU A 142 -37.31 1.12 14.97
CA GLU A 142 -36.99 0.07 13.99
C GLU A 142 -35.55 0.20 13.44
N HIS A 143 -35.18 1.43 13.04
CA HIS A 143 -33.90 1.72 12.35
C HIS A 143 -32.69 2.18 13.22
N ARG A 144 -32.95 2.70 14.40
CA ARG A 144 -31.97 2.88 15.46
C ARG A 144 -30.89 1.76 15.51
N ASN A 145 -29.60 2.14 15.59
CA ASN A 145 -28.45 1.19 15.62
C ASN A 145 -28.20 0.28 14.38
N ILE A 146 -28.88 0.53 13.28
CA ILE A 146 -28.70 -0.26 12.08
C ILE A 146 -27.46 0.22 11.30
N CYS A 147 -26.59 -0.75 11.01
CA CYS A 147 -25.37 -0.58 10.26
C CYS A 147 -25.58 -1.18 8.88
N LEU A 148 -25.95 -0.33 7.91
CA LEU A 148 -26.12 -0.82 6.55
C LEU A 148 -24.89 -0.52 5.66
N LEU A 149 -24.38 -1.62 5.09
CA LEU A 149 -23.22 -1.66 4.23
C LEU A 149 -23.69 -1.47 2.81
N LYS A 150 -22.85 -0.85 2.00
CA LYS A 150 -23.19 -0.52 0.64
C LYS A 150 -21.99 -0.70 -0.30
N HIS A 151 -22.31 -0.88 -1.58
CA HIS A 151 -21.33 -0.82 -2.65
C HIS A 151 -21.94 -0.16 -3.86
N THR A 152 -21.09 0.38 -4.73
CA THR A 152 -21.43 0.94 -6.04
C THR A 152 -20.38 0.53 -7.10
N GLN A 153 -20.74 0.72 -8.37
CA GLN A 153 -19.80 0.52 -9.48
C GLN A 153 -18.44 1.18 -9.21
N THR A 154 -18.46 2.41 -8.68
CA THR A 154 -17.31 3.31 -8.60
C THR A 154 -16.57 3.30 -7.27
N GLY A 155 -17.13 2.71 -6.21
CA GLY A 155 -16.63 2.97 -4.84
C GLY A 155 -17.17 4.24 -4.19
N THR A 156 -17.76 5.10 -5.02
CA THR A 156 -18.30 6.41 -4.73
C THR A 156 -19.82 6.22 -4.49
N PRO A 157 -20.45 6.97 -3.59
CA PRO A 157 -21.91 6.87 -3.49
C PRO A 157 -22.63 7.53 -4.68
N THR A 158 -23.77 6.98 -5.05
CA THR A 158 -24.53 7.45 -6.22
C THR A 158 -25.25 8.73 -5.90
N ARG A 159 -25.63 8.91 -4.65
CA ARG A 159 -26.11 10.20 -4.14
C ARG A 159 -25.64 10.46 -2.68
N ILE A 160 -25.55 11.74 -2.33
CA ILE A 160 -25.35 12.13 -0.94
C ILE A 160 -26.42 13.13 -0.49
N THR A 161 -27.10 12.79 0.60
CA THR A 161 -28.18 13.61 1.18
C THR A 161 -27.98 13.80 2.66
N LYS A 162 -28.43 14.94 3.16
CA LYS A 162 -28.47 15.19 4.60
C LYS A 162 -29.63 14.42 5.24
N LEU A 163 -29.34 13.80 6.38
CA LEU A 163 -30.32 13.04 7.13
C LEU A 163 -29.87 13.02 8.56
N ASP A 164 -30.54 13.82 9.39
CA ASP A 164 -30.05 14.08 10.73
C ASP A 164 -30.03 12.80 11.56
N LYS A 165 -29.10 12.74 12.50
CA LYS A 165 -28.91 11.60 13.43
C LYS A 165 -28.41 10.27 12.77
N VAL A 166 -27.77 10.37 11.61
CA VAL A 166 -27.14 9.23 10.94
C VAL A 166 -25.66 9.58 10.68
N VAL A 167 -24.77 8.61 10.76
CA VAL A 167 -23.36 8.83 10.33
C VAL A 167 -22.89 7.86 9.24
N SER A 168 -22.30 8.43 8.16
CA SER A 168 -21.73 7.65 7.07
C SER A 168 -20.19 7.64 7.12
N GLY A 169 -19.57 6.67 6.46
CA GLY A 169 -18.10 6.61 6.31
C GLY A 169 -17.57 5.51 5.38
N PHE A 170 -16.31 5.62 4.99
CA PHE A 170 -15.78 4.69 3.99
C PHE A 170 -15.18 3.48 4.62
N SER A 171 -14.89 2.48 3.79
CA SER A 171 -14.08 1.32 4.20
C SER A 171 -12.65 1.79 4.49
N LEU A 172 -12.02 1.18 5.49
CA LEU A 172 -10.62 1.44 5.80
C LEU A 172 -9.72 0.32 5.29
N LYS A 173 -10.19 -0.49 4.32
CA LYS A 173 -9.33 -1.49 3.65
C LYS A 173 -8.02 -0.87 3.13
N SER A 174 -8.10 0.38 2.66
CA SER A 174 -6.92 1.08 2.18
C SER A 174 -6.12 1.79 3.27
N CYS A 175 -6.41 1.49 4.53
CA CYS A 175 -5.66 2.00 5.69
C CYS A 175 -4.87 0.87 6.34
N ALA A 176 -4.81 -0.27 5.65
CA ALA A 176 -4.23 -1.51 6.14
C ALA A 176 -4.86 -2.03 7.41
N LEU A 177 -6.14 -1.70 7.62
CA LEU A 177 -6.83 -2.06 8.86
C LEU A 177 -7.71 -3.29 8.70
N SER A 178 -7.64 -3.98 7.58
CA SER A 178 -8.65 -5.00 7.29
C SER A 178 -8.18 -6.36 7.76
N ASN A 179 -9.10 -7.11 8.35
CA ASN A 179 -8.86 -8.52 8.73
C ASN A 179 -9.12 -9.52 7.66
N LEU A 180 -9.58 -9.05 6.49
CA LEU A 180 -9.91 -9.89 5.37
C LEU A 180 -8.70 -10.60 4.84
N ALA A 181 -8.83 -11.88 4.57
CA ALA A 181 -7.70 -12.65 4.03
C ALA A 181 -7.51 -12.28 2.57
N CYS A 182 -6.26 -12.11 2.15
CA CYS A 182 -5.89 -11.88 0.75
C CYS A 182 -5.47 -13.21 0.14
N ILE A 183 -6.13 -13.59 -0.95
CA ILE A 183 -5.79 -14.83 -1.65
C ILE A 183 -4.80 -14.50 -2.75
N ARG A 184 -3.52 -14.73 -2.48
CA ARG A 184 -2.43 -14.46 -3.44
C ARG A 184 -2.25 -15.56 -4.50
N ASP A 185 -2.74 -16.77 -4.20
CA ASP A 185 -2.75 -17.92 -5.15
C ASP A 185 -3.30 -17.50 -6.51
N ILE A 186 -2.46 -17.61 -7.53
CA ILE A 186 -2.82 -17.29 -8.89
C ILE A 186 -2.93 -18.61 -9.68
N PHE A 187 -4.07 -18.83 -10.34
CA PHE A 187 -4.47 -20.14 -10.86
C PHE A 187 -4.23 -20.29 -12.39
N PRO A 188 -3.14 -20.98 -12.79
CA PRO A 188 -2.88 -21.10 -14.23
C PRO A 188 -3.93 -21.96 -14.96
N ASN A 189 -4.03 -21.79 -16.28
CA ASN A 189 -4.97 -22.54 -17.12
C ASN A 189 -6.34 -22.71 -16.48
N THR A 190 -6.89 -21.59 -16.01
CA THR A 190 -8.17 -21.53 -15.31
C THR A 190 -8.90 -20.25 -15.64
N VAL A 191 -10.21 -20.36 -15.90
CA VAL A 191 -11.05 -19.18 -16.08
C VAL A 191 -12.10 -19.15 -14.97
N PHE A 192 -12.66 -17.96 -14.74
CA PHE A 192 -13.80 -17.82 -13.84
C PHE A 192 -14.97 -17.33 -14.66
N ALA A 193 -16.16 -17.72 -14.25
CA ALA A 193 -17.35 -17.31 -15.02
C ALA A 193 -18.36 -16.74 -14.03
N ASP A 194 -18.15 -15.53 -13.56
CA ASP A 194 -19.15 -14.95 -12.63
C ASP A 194 -19.47 -13.61 -13.28
N SER A 195 -19.90 -12.63 -12.52
CA SER A 195 -20.23 -11.33 -13.15
C SER A 195 -19.09 -10.49 -13.72
N ASN A 196 -19.13 -10.24 -15.02
CA ASN A 196 -18.10 -9.39 -15.65
C ASN A 196 -18.55 -7.93 -15.52
N ILE A 197 -17.90 -7.19 -14.64
CA ILE A 197 -18.15 -5.77 -14.34
C ILE A 197 -17.30 -4.76 -15.08
N ASP A 198 -16.21 -5.22 -15.69
CA ASP A 198 -15.34 -4.33 -16.46
C ASP A 198 -14.29 -5.17 -17.17
N SER A 199 -13.55 -4.54 -18.07
CA SER A 199 -12.49 -5.23 -18.78
C SER A 199 -11.43 -4.27 -19.20
N VAL A 200 -10.19 -4.72 -19.19
CA VAL A 200 -9.12 -3.90 -19.62
C VAL A 200 -8.16 -4.80 -20.41
N MET A 201 -7.30 -4.15 -21.17
CA MET A 201 -6.22 -4.84 -21.82
C MET A 201 -5.00 -4.76 -20.93
N ALA A 202 -4.38 -5.90 -20.63
CA ALA A 202 -3.17 -5.95 -19.79
C ALA A 202 -2.09 -6.75 -20.43
N PRO A 203 -0.85 -6.33 -20.22
CA PRO A 203 0.26 -7.06 -20.84
C PRO A 203 0.43 -8.43 -20.25
N ASP A 204 0.17 -8.60 -18.97
CA ASP A 204 0.25 -9.93 -18.34
C ASP A 204 -0.74 -9.99 -17.16
N ALA A 205 -0.78 -11.15 -16.50
CA ALA A 205 -1.69 -11.39 -15.40
C ALA A 205 -1.35 -10.65 -14.09
N PHE A 206 -0.08 -10.26 -13.90
CA PHE A 206 0.27 -9.51 -12.68
C PHE A 206 -0.37 -8.16 -12.75
N VAL A 207 -0.18 -7.50 -13.89
CA VAL A 207 -0.84 -6.24 -14.15
C VAL A 207 -2.33 -6.43 -14.13
N CYS A 208 -2.82 -7.50 -14.72
CA CYS A 208 -4.26 -7.72 -14.64
C CYS A 208 -4.72 -7.75 -13.17
N GLY A 209 -4.02 -8.48 -12.32
CA GLY A 209 -4.35 -8.59 -10.90
C GLY A 209 -4.15 -7.30 -10.12
N ARG A 210 -3.12 -6.55 -10.49
CA ARG A 210 -2.86 -5.27 -9.87
C ARG A 210 -4.05 -4.33 -10.19
N ILE A 211 -4.52 -4.34 -11.44
CA ILE A 211 -5.69 -3.56 -11.83
C ILE A 211 -6.96 -3.99 -11.08
N CYS A 212 -7.17 -5.29 -10.92
CA CYS A 212 -8.28 -5.78 -10.13
C CYS A 212 -8.24 -5.23 -8.74
N THR A 213 -7.03 -5.16 -8.15
CA THR A 213 -6.87 -4.76 -6.76
C THR A 213 -7.36 -3.33 -6.58
N HIS A 214 -6.92 -2.40 -7.43
CA HIS A 214 -7.43 -1.02 -7.25
C HIS A 214 -8.80 -0.72 -7.85
N HIS A 215 -9.40 -1.67 -8.56
CA HIS A 215 -10.77 -1.47 -9.08
C HIS A 215 -11.74 -1.89 -7.99
N PRO A 216 -12.63 -0.98 -7.58
CA PRO A 216 -13.44 -1.23 -6.38
C PRO A 216 -14.47 -2.35 -6.51
N GLY A 217 -15.10 -2.44 -7.67
CA GLY A 217 -15.97 -3.59 -7.98
C GLY A 217 -15.35 -4.96 -8.25
N CYS A 218 -14.04 -5.03 -8.46
CA CYS A 218 -13.38 -6.28 -8.86
C CYS A 218 -12.99 -7.07 -7.62
N LEU A 219 -13.48 -8.29 -7.51
CA LEU A 219 -13.00 -9.23 -6.48
C LEU A 219 -12.06 -10.30 -7.00
N PHE A 220 -12.23 -10.64 -8.26
CA PHE A 220 -11.34 -11.58 -8.86
C PHE A 220 -11.41 -11.37 -10.37
N PHE A 221 -10.59 -12.12 -11.08
CA PHE A 221 -10.35 -11.83 -12.47
C PHE A 221 -9.97 -13.06 -13.25
N THR A 222 -10.14 -12.96 -14.56
CA THR A 222 -9.53 -13.91 -15.47
C THR A 222 -8.80 -13.13 -16.54
N PHE A 223 -7.56 -13.51 -16.77
CA PHE A 223 -6.72 -12.93 -17.80
C PHE A 223 -6.59 -13.95 -18.93
N PHE A 224 -6.85 -13.49 -20.15
CA PHE A 224 -6.71 -14.30 -21.37
C PHE A 224 -5.44 -13.87 -22.08
N SER A 225 -4.47 -14.78 -22.07
CA SER A 225 -3.07 -14.46 -22.41
C SER A 225 -2.87 -14.22 -23.88
N GLN A 226 -1.67 -13.76 -24.20
CA GLN A 226 -1.24 -13.54 -25.57
C GLN A 226 -1.47 -14.77 -26.49
N GLU A 227 -1.20 -15.96 -25.96
CA GLU A 227 -1.31 -17.23 -26.71
C GLU A 227 -2.73 -17.82 -26.77
N TRP A 228 -3.70 -17.09 -26.23
CA TRP A 228 -5.10 -17.48 -26.28
C TRP A 228 -5.58 -17.52 -27.74
N PRO A 229 -6.17 -18.66 -28.18
CA PRO A 229 -6.81 -18.85 -29.50
C PRO A 229 -7.66 -17.76 -30.19
N LYS A 230 -8.74 -17.30 -29.57
CA LYS A 230 -9.52 -16.19 -30.11
C LYS A 230 -8.78 -14.88 -30.09
N GLU A 231 -8.42 -14.37 -31.24
CA GLU A 231 -7.64 -13.12 -31.33
C GLU A 231 -8.30 -11.92 -30.69
N SER A 232 -9.63 -11.84 -30.75
CA SER A 232 -10.34 -10.68 -30.18
C SER A 232 -10.14 -10.55 -28.66
N GLN A 233 -9.69 -11.63 -27.99
CA GLN A 233 -9.57 -11.67 -26.52
C GLN A 233 -8.15 -11.83 -25.93
N ARG A 234 -7.12 -11.66 -26.75
CA ARG A 234 -5.76 -11.73 -26.27
C ARG A 234 -5.48 -10.50 -25.44
N ASN A 235 -4.87 -10.72 -24.28
CA ASN A 235 -4.44 -9.63 -23.36
C ASN A 235 -5.66 -9.02 -22.67
N LEU A 236 -6.77 -9.75 -22.65
CA LEU A 236 -7.98 -9.26 -22.09
C LEU A 236 -7.98 -9.60 -20.63
N CYS A 237 -8.20 -8.57 -19.82
CA CYS A 237 -8.23 -8.70 -18.37
C CYS A 237 -9.69 -8.46 -18.02
N LEU A 238 -10.39 -9.55 -17.66
CA LEU A 238 -11.79 -9.51 -17.25
C LEU A 238 -11.97 -9.34 -15.73
N LEU A 239 -12.46 -8.19 -15.33
CA LEU A 239 -12.67 -7.88 -13.91
C LEU A 239 -14.03 -8.37 -13.50
N LYS A 240 -14.08 -9.20 -12.45
CA LYS A 240 -15.28 -9.97 -12.09
C LYS A 240 -15.69 -9.82 -10.62
N THR A 241 -16.98 -10.11 -10.37
CA THR A 241 -17.55 -10.19 -9.00
C THR A 241 -18.64 -11.27 -8.85
N SER A 242 -18.99 -11.57 -7.60
CA SER A 242 -20.05 -12.53 -7.29
C SER A 242 -20.70 -12.14 -5.97
N GLU A 243 -21.93 -12.60 -5.77
CA GLU A 243 -22.68 -12.33 -4.55
C GLU A 243 -22.03 -13.01 -3.35
N SER A 244 -21.64 -14.26 -3.52
CA SER A 244 -20.79 -14.92 -2.52
C SER A 244 -19.56 -14.10 -2.16
N GLY A 245 -18.89 -13.60 -3.20
CA GLY A 245 -17.55 -13.02 -3.09
C GLY A 245 -16.52 -13.94 -3.72
N LEU A 246 -16.75 -15.25 -3.71
CA LEU A 246 -15.86 -16.22 -4.35
C LEU A 246 -16.32 -16.52 -5.77
N PRO A 247 -15.44 -17.09 -6.60
CA PRO A 247 -15.89 -17.49 -7.92
C PRO A 247 -16.77 -18.73 -7.86
N SER A 248 -17.83 -18.73 -8.63
CA SER A 248 -18.73 -19.87 -8.74
C SER A 248 -17.94 -21.13 -9.11
N THR A 249 -17.29 -21.14 -10.28
CA THR A 249 -16.61 -22.36 -10.70
C THR A 249 -15.24 -22.21 -11.37
N ARG A 250 -14.47 -23.27 -11.24
CA ARG A 250 -13.11 -23.42 -11.76
C ARG A 250 -13.09 -24.20 -13.10
N ILE A 251 -13.42 -23.51 -14.18
CA ILE A 251 -13.42 -24.10 -15.52
C ILE A 251 -11.98 -24.15 -16.00
N LYS A 252 -11.52 -25.31 -16.42
CA LYS A 252 -10.17 -25.39 -16.94
C LYS A 252 -10.13 -24.85 -18.34
N LYS A 253 -9.00 -24.29 -18.72
CA LYS A 253 -8.81 -23.82 -20.10
C LYS A 253 -7.42 -23.24 -20.25
N SER A 254 -6.76 -23.53 -21.36
CA SER A 254 -5.35 -23.19 -21.53
C SER A 254 -5.13 -21.72 -21.85
N LYS A 255 -3.97 -21.22 -21.52
CA LYS A 255 -3.64 -19.86 -21.84
C LYS A 255 -4.44 -18.78 -21.14
N ALA A 256 -5.28 -19.18 -20.22
CA ALA A 256 -6.03 -18.27 -19.40
C ALA A 256 -5.49 -18.43 -17.98
N LEU A 257 -5.75 -17.44 -17.13
CA LEU A 257 -5.07 -17.34 -15.85
C LEU A 257 -5.94 -16.52 -14.92
N SER A 258 -6.21 -17.05 -13.73
CA SER A 258 -7.22 -16.45 -12.87
C SER A 258 -6.70 -16.17 -11.50
N GLY A 259 -7.29 -15.14 -10.86
CA GLY A 259 -6.84 -14.70 -9.52
C GLY A 259 -7.79 -13.77 -8.77
N PHE A 260 -7.33 -13.29 -7.62
CA PHE A 260 -8.15 -12.45 -6.73
C PHE A 260 -7.58 -11.05 -6.56
N SER A 261 -8.46 -10.13 -6.23
CA SER A 261 -8.08 -8.81 -5.73
C SER A 261 -7.25 -9.01 -4.46
N LEU A 262 -6.25 -8.16 -4.28
CA LEU A 262 -5.50 -8.08 -3.02
C LEU A 262 -5.69 -6.73 -2.26
N GLN A 263 -6.89 -6.18 -2.38
CA GLN A 263 -7.34 -4.90 -1.78
C GLN A 263 -6.98 -4.80 -0.28
N SER A 264 -6.89 -5.93 0.40
CA SER A 264 -6.78 -6.00 1.83
C SER A 264 -5.30 -5.97 2.19
N CYS A 265 -4.46 -6.46 1.28
CA CYS A 265 -3.01 -6.38 1.40
C CYS A 265 -2.36 -5.24 0.65
N ARG A 266 -3.14 -4.29 0.17
CA ARG A 266 -2.66 -3.17 -0.69
C ARG A 266 -1.33 -2.52 -0.26
N HIS A 267 -1.17 -2.32 1.04
CA HIS A 267 -0.02 -1.56 1.60
C HIS A 267 1.32 -2.30 1.57
N SER A 268 1.34 -3.58 1.27
CA SER A 268 2.56 -4.36 1.19
C SER A 268 2.85 -4.89 -0.22
N ILE A 269 2.02 -4.50 -1.18
CA ILE A 269 2.17 -4.99 -2.55
C ILE A 269 2.32 -3.85 -3.49
N PRO A 270 3.12 -4.04 -4.57
CA PRO A 270 3.01 -3.09 -5.68
C PRO A 270 1.60 -3.19 -6.27
N VAL A 271 1.06 -2.07 -6.70
CA VAL A 271 -0.32 -2.04 -7.20
C VAL A 271 -0.47 -1.09 -8.38
N PHE A 272 0.05 0.11 -8.17
CA PHE A 272 0.03 1.19 -9.19
C PHE A 272 1.42 1.27 -9.79
N CYS A 273 2.35 0.54 -9.22
CA CYS A 273 3.72 0.65 -9.72
C CYS A 273 4.05 -0.55 -10.59
N HIS A 274 3.90 -0.36 -11.92
CA HIS A 274 4.28 -1.37 -12.89
C HIS A 274 5.59 -0.84 -13.51
N SER A 275 6.71 -1.42 -13.09
CA SER A 275 8.06 -0.94 -13.45
C SER A 275 8.73 -1.70 -14.60
N SER A 276 8.16 -2.84 -14.99
CA SER A 276 8.65 -3.66 -16.10
C SER A 276 8.46 -3.03 -17.47
N PHE A 277 9.23 -3.56 -18.41
CA PHE A 277 9.23 -3.15 -19.79
C PHE A 277 8.77 -4.35 -20.54
N TYR A 278 7.99 -4.10 -21.59
CA TYR A 278 7.36 -5.15 -22.35
C TYR A 278 7.88 -5.07 -23.76
N HIS A 279 8.73 -6.03 -24.09
CA HIS A 279 9.44 -6.09 -25.35
C HIS A 279 8.70 -6.64 -26.53
N ASP A 280 9.00 -6.10 -27.68
CA ASP A 280 8.28 -6.51 -28.88
C ASP A 280 6.76 -6.39 -28.62
N THR A 281 6.42 -5.27 -27.96
CA THR A 281 5.07 -4.99 -27.46
C THR A 281 4.79 -3.53 -27.72
N ASP A 282 3.62 -3.26 -28.30
CA ASP A 282 3.19 -1.89 -28.54
C ASP A 282 1.86 -1.67 -27.83
N PHE A 283 1.82 -0.65 -27.00
CA PHE A 283 0.60 -0.30 -26.30
C PHE A 283 -0.15 0.73 -27.13
N LEU A 284 -1.36 0.40 -27.58
CA LEU A 284 -2.16 1.40 -28.30
C LEU A 284 -2.93 2.32 -27.33
N GLY A 285 -2.86 3.62 -27.63
CA GLY A 285 -3.63 4.66 -26.96
C GLY A 285 -3.60 5.96 -27.78
N GLU A 286 -4.00 7.08 -27.16
CA GLU A 286 -3.99 8.40 -27.81
C GLU A 286 -2.60 8.99 -27.68
N GLU A 287 -2.16 9.73 -28.69
CA GLU A 287 -0.76 10.16 -28.76
C GLU A 287 -0.56 11.50 -28.14
N LEU A 288 0.26 11.53 -27.10
CA LEU A 288 0.49 12.75 -26.38
C LEU A 288 1.62 13.47 -27.04
N ASP A 289 2.70 12.77 -27.33
CA ASP A 289 3.87 13.37 -27.95
C ASP A 289 4.82 12.29 -28.47
N ILE A 290 5.74 12.74 -29.29
CA ILE A 290 6.74 11.85 -29.81
C ILE A 290 8.04 12.57 -29.71
N VAL A 291 8.99 12.00 -28.96
CA VAL A 291 10.30 12.64 -28.79
C VAL A 291 11.44 11.67 -29.05
N ALA A 292 12.56 12.25 -29.48
CA ALA A 292 13.86 11.57 -29.58
C ALA A 292 14.30 11.03 -28.24
N ALA A 293 14.75 9.79 -28.20
CA ALA A 293 15.18 9.23 -26.95
C ALA A 293 16.21 8.15 -27.18
N LYS A 294 17.10 8.02 -26.21
CA LYS A 294 18.30 7.17 -26.33
C LYS A 294 18.00 5.73 -25.93
N SER A 295 17.07 5.56 -24.99
CA SER A 295 16.69 4.23 -24.52
C SER A 295 15.25 4.21 -24.01
N HIS A 296 14.66 3.01 -24.03
CA HIS A 296 13.43 2.73 -23.32
C HIS A 296 13.36 3.26 -21.88
N GLU A 297 14.43 3.14 -21.13
CA GLU A 297 14.45 3.67 -19.78
C GLU A 297 14.22 5.17 -19.80
N ALA A 298 14.84 5.88 -20.73
CA ALA A 298 14.66 7.34 -20.77
C ALA A 298 13.28 7.70 -21.27
N CYS A 299 12.74 6.87 -22.15
CA CYS A 299 11.38 7.07 -22.62
C CYS A 299 10.43 7.07 -21.42
N GLN A 300 10.58 6.07 -20.55
CA GLN A 300 9.76 5.97 -19.34
C GLN A 300 9.86 7.21 -18.45
N LYS A 301 11.04 7.83 -18.45
CA LYS A 301 11.28 9.02 -17.67
C LYS A 301 10.50 10.15 -18.30
N LEU A 302 10.65 10.30 -19.62
CA LEU A 302 9.91 11.33 -20.35
C LEU A 302 8.38 11.19 -20.08
N CYS A 303 7.89 9.95 -19.97
CA CYS A 303 6.48 9.70 -19.63
C CYS A 303 6.20 10.13 -18.21
N THR A 304 6.94 9.54 -17.26
CA THR A 304 6.83 9.84 -15.82
C THR A 304 6.75 11.35 -15.57
N ASN A 305 7.58 12.13 -16.28
CA ASN A 305 7.66 13.59 -16.08
C ASN A 305 6.66 14.39 -16.90
N ALA A 306 5.94 13.73 -17.80
CA ALA A 306 4.80 14.34 -18.47
C ALA A 306 3.56 13.87 -17.76
N VAL A 307 2.86 14.78 -17.09
CA VAL A 307 1.76 14.39 -16.16
C VAL A 307 0.57 13.68 -16.86
N ARG A 308 0.21 14.13 -18.05
CA ARG A 308 -0.87 13.46 -18.80
C ARG A 308 -0.49 12.09 -19.35
N CYS A 309 0.81 11.78 -19.42
CA CYS A 309 1.26 10.47 -19.98
C CYS A 309 0.95 9.35 -19.00
N GLN A 310 0.41 8.27 -19.49
CA GLN A 310 0.06 7.09 -18.66
C GLN A 310 0.82 5.88 -19.07
N PHE A 311 1.18 5.80 -20.33
CA PHE A 311 2.00 4.71 -20.80
C PHE A 311 2.75 5.10 -22.09
N PHE A 312 3.61 4.21 -22.57
CA PHE A 312 4.51 4.61 -23.66
C PHE A 312 4.89 3.44 -24.48
N THR A 313 5.50 3.78 -25.60
CA THR A 313 6.14 2.78 -26.48
C THR A 313 7.39 3.42 -27.05
N TYR A 314 8.55 2.91 -26.65
CA TYR A 314 9.84 3.32 -27.24
C TYR A 314 10.12 2.41 -28.40
N THR A 315 10.29 3.02 -29.57
CA THR A 315 10.70 2.26 -30.78
C THR A 315 12.19 2.53 -30.98
N PRO A 316 13.05 1.52 -30.77
CA PRO A 316 14.50 1.65 -30.85
C PRO A 316 15.03 1.87 -32.24
N ALA A 317 16.14 2.57 -32.33
CA ALA A 317 16.80 2.79 -33.57
C ALA A 317 17.14 1.46 -34.24
N CYS A 321 21.56 -1.17 -35.44
CA CYS A 321 21.46 -0.52 -36.75
C CYS A 321 21.27 0.98 -36.61
N ASN A 322 21.43 1.68 -37.74
CA ASN A 322 21.28 3.13 -37.78
C ASN A 322 22.08 3.83 -36.67
N GLU A 323 21.44 4.79 -35.99
CA GLU A 323 22.09 5.52 -34.91
C GLU A 323 21.30 5.39 -33.60
N GLY A 324 21.84 5.98 -32.53
CA GLY A 324 21.19 5.93 -31.24
C GLY A 324 20.23 7.08 -31.02
N LYS A 325 19.05 6.97 -31.64
CA LYS A 325 18.03 8.02 -31.51
C LYS A 325 16.64 7.45 -31.78
N GLY A 326 16.14 6.66 -30.84
CA GLY A 326 14.81 6.06 -30.97
C GLY A 326 13.71 7.08 -30.92
N LYS A 327 12.47 6.61 -31.03
CA LYS A 327 11.31 7.49 -30.89
C LYS A 327 10.53 7.02 -29.69
N CYS A 328 10.27 7.97 -28.81
CA CYS A 328 9.52 7.72 -27.59
C CYS A 328 8.11 8.25 -27.77
N TYR A 329 7.13 7.35 -27.81
CA TYR A 329 5.71 7.76 -27.93
C TYR A 329 5.06 7.82 -26.56
N LEU A 330 4.71 9.03 -26.13
CA LEU A 330 3.94 9.25 -24.91
C LEU A 330 2.46 9.17 -25.23
N LYS A 331 1.75 8.33 -24.50
CA LYS A 331 0.38 7.97 -24.80
C LYS A 331 -0.52 8.09 -23.59
N LEU A 332 -1.82 8.01 -23.83
CA LEU A 332 -2.82 7.99 -22.78
C LEU A 332 -4.12 7.41 -23.29
N SER A 333 -4.97 6.97 -22.39
CA SER A 333 -6.30 6.52 -22.72
C SER A 333 -7.28 7.02 -21.66
N SER A 334 -8.53 6.59 -21.81
CA SER A 334 -9.59 6.92 -20.86
CA SER A 334 -9.60 6.92 -20.87
C SER A 334 -9.44 6.21 -19.53
N ASN A 335 -8.76 5.06 -19.48
CA ASN A 335 -8.75 4.24 -18.25
C ASN A 335 -7.38 3.89 -17.71
N GLY A 336 -6.36 4.60 -18.15
CA GLY A 336 -5.01 4.24 -17.78
C GLY A 336 -4.44 3.02 -18.46
N SER A 337 -5.16 2.36 -19.35
CA SER A 337 -4.67 1.13 -19.98
C SER A 337 -4.61 1.33 -21.45
N PRO A 338 -3.84 0.49 -22.14
CA PRO A 338 -3.87 0.57 -23.59
C PRO A 338 -5.18 0.03 -24.08
N THR A 339 -5.61 0.56 -25.20
CA THR A 339 -6.86 0.13 -25.85
C THR A 339 -6.63 -1.17 -26.59
N LYS A 340 -5.37 -1.43 -26.96
CA LYS A 340 -4.95 -2.66 -27.61
C LYS A 340 -3.46 -2.91 -27.40
N ILE A 341 -3.11 -4.16 -27.18
CA ILE A 341 -1.74 -4.56 -27.01
C ILE A 341 -1.29 -5.39 -28.22
N LEU A 342 -0.41 -4.81 -29.04
CA LEU A 342 0.19 -5.53 -30.16
C LEU A 342 1.58 -6.07 -29.80
N HIS A 343 1.76 -7.33 -30.15
CA HIS A 343 3.06 -7.97 -30.14
C HIS A 343 3.61 -8.07 -31.59
N GLY A 344 4.92 -7.95 -31.75
CA GLY A 344 5.57 -8.27 -33.02
C GLY A 344 5.85 -7.08 -33.88
N ARG A 345 5.68 -5.89 -33.35
CA ARG A 345 5.96 -4.69 -34.08
C ARG A 345 7.20 -4.03 -33.53
N GLY A 346 7.95 -4.75 -32.69
CA GLY A 346 9.26 -4.30 -32.23
C GLY A 346 9.32 -3.17 -31.23
N GLY A 347 8.19 -2.80 -30.63
CA GLY A 347 8.22 -1.72 -29.64
C GLY A 347 8.63 -2.20 -28.26
N ILE A 348 9.13 -1.27 -27.45
CA ILE A 348 9.33 -1.54 -26.01
C ILE A 348 8.37 -0.66 -25.25
N SER A 349 7.43 -1.27 -24.53
CA SER A 349 6.36 -0.53 -23.86
C SER A 349 6.35 -0.70 -22.34
N GLY A 350 5.80 0.31 -21.67
CA GLY A 350 5.46 0.23 -20.24
C GLY A 350 4.64 1.42 -19.78
N TYR A 351 4.62 1.66 -18.48
CA TYR A 351 3.77 2.65 -17.85
C TYR A 351 4.48 3.76 -17.14
N THR A 352 3.72 4.79 -16.79
CA THR A 352 4.25 5.93 -16.06
C THR A 352 4.60 5.43 -14.68
N LEU A 353 5.74 5.91 -14.18
CA LEU A 353 6.18 5.68 -12.81
C LEU A 353 5.69 6.77 -11.90
N ARG A 354 5.07 7.78 -12.48
CA ARG A 354 4.41 8.83 -11.75
C ARG A 354 3.40 8.25 -10.76
N LEU A 355 3.02 7.00 -11.02
CA LEU A 355 2.16 6.23 -10.14
C LEU A 355 2.83 5.75 -8.85
N CYS A 356 4.09 5.32 -8.87
CA CYS A 356 4.68 4.59 -7.74
C CYS A 356 4.66 5.36 -6.41
N LYS A 357 4.61 6.68 -6.43
CA LYS A 357 4.28 7.44 -5.22
C LYS A 357 2.93 7.10 -4.55
N MET A 358 2.03 6.44 -5.27
CA MET A 358 0.74 5.96 -4.72
C MET A 358 0.98 4.67 -3.94
N ASP A 359 2.02 3.94 -4.34
CA ASP A 359 2.44 2.73 -3.64
C ASP A 359 3.22 3.04 -2.36
N ASN A 360 3.17 2.11 -1.42
CA ASN A 360 3.94 2.22 -0.19
C ASN A 360 5.40 2.13 -0.57
N GLU A 361 6.22 3.05 -0.06
CA GLU A 361 7.65 3.05 -0.34
C GLU A 361 8.34 1.72 0.01
N CYS A 362 7.82 0.98 0.95
CA CYS A 362 8.42 -0.30 1.28
C CYS A 362 8.23 -1.39 0.20
N THR A 363 7.50 -1.09 -0.87
CA THR A 363 7.26 -2.06 -1.97
C THR A 363 8.17 -1.87 -3.14
N THR A 364 8.80 -0.69 -3.24
CA THR A 364 9.83 -0.44 -4.28
C THR A 364 10.89 -1.54 -4.34
N LYS A 365 11.35 -1.77 -5.56
CA LYS A 365 12.21 -2.93 -5.92
C LYS A 365 13.53 -2.95 -5.16
N ILE A 366 14.11 -4.15 -5.07
CA ILE A 366 15.42 -4.35 -4.40
C ILE A 366 16.49 -4.22 -5.48
N LYS A 367 17.53 -3.48 -5.15
CA LYS A 367 18.60 -3.23 -6.06
C LYS A 367 19.53 -4.40 -6.11
N PRO A 368 19.69 -4.98 -7.30
CA PRO A 368 20.54 -6.14 -7.49
C PRO A 368 21.92 -5.83 -6.97
N ARG A 369 22.41 -6.73 -6.14
CA ARG A 369 23.73 -6.60 -5.54
C ARG A 369 24.28 -8.00 -5.40
N ILE A 370 25.59 -8.15 -5.32
CA ILE A 370 26.11 -9.49 -5.17
C ILE A 370 26.17 -9.89 -3.69
N VAL A 371 24.98 -10.22 -3.16
CA VAL A 371 24.84 -10.66 -1.75
C VAL A 371 25.79 -11.87 -1.78
N GLY A 372 26.94 -11.73 -1.14
CA GLY A 372 28.00 -12.75 -1.17
C GLY A 372 27.99 -13.37 0.22
N GLY A 373 28.54 -14.59 0.31
CA GLY A 373 28.69 -15.37 1.57
C GLY A 373 27.61 -15.20 2.63
N THR A 374 28.03 -14.92 3.87
CA THR A 374 27.11 -14.50 4.96
C THR A 374 27.58 -13.20 5.67
N ALA A 375 28.44 -12.43 4.99
CA ALA A 375 28.83 -11.09 5.43
C ALA A 375 28.03 -10.14 4.56
N SER A 376 27.32 -9.20 5.19
CA SER A 376 26.48 -8.29 4.41
C SER A 376 27.33 -7.28 3.66
N VAL A 377 26.71 -6.47 2.80
CA VAL A 377 27.41 -5.29 2.23
C VAL A 377 26.45 -4.11 2.12
N ARG A 378 27.00 -2.93 1.86
CA ARG A 378 26.23 -1.70 1.69
C ARG A 378 24.93 -1.86 0.90
N GLY A 379 23.86 -1.26 1.39
CA GLY A 379 22.53 -1.28 0.75
C GLY A 379 21.67 -2.55 0.87
N GLU A 380 22.27 -3.63 1.41
CA GLU A 380 21.69 -4.98 1.35
C GLU A 380 20.43 -5.16 2.17
N TRP A 381 20.49 -4.72 3.43
CA TRP A 381 19.39 -4.77 4.42
C TRP A 381 19.20 -3.35 4.95
N PRO A 382 18.77 -2.42 4.10
CA PRO A 382 18.75 -0.97 4.42
C PRO A 382 17.69 -0.50 5.42
N TRP A 383 16.87 -1.41 5.92
CA TRP A 383 15.89 -1.08 6.96
C TRP A 383 16.50 -1.23 8.36
N GLN A 384 17.51 -2.08 8.48
CA GLN A 384 18.27 -2.29 9.70
C GLN A 384 18.85 -1.00 10.24
N VAL A 385 18.64 -0.75 11.52
CA VAL A 385 19.40 0.29 12.22
C VAL A 385 20.19 -0.36 13.36
N THR A 386 21.16 0.40 13.84
CA THR A 386 21.88 0.06 15.07
C THR A 386 21.48 1.11 16.11
N LEU A 387 20.87 0.66 17.20
CA LEU A 387 20.48 1.49 18.37
C LEU A 387 21.67 1.66 19.29
N HIS A 388 22.18 2.87 19.43
CA HIS A 388 23.26 3.11 20.36
C HIS A 388 22.74 3.75 21.64
N THR A 389 23.45 3.44 22.71
CA THR A 389 23.19 4.00 24.05
C THR A 389 24.39 4.87 24.38
N THR A 390 24.17 6.14 24.73
CA THR A 390 25.28 7.06 25.05
C THR A 390 25.97 6.59 26.33
N SER A 391 25.17 6.16 27.32
CA SER A 391 25.66 5.72 28.65
C SER A 391 26.28 4.31 28.57
N PRO A 392 26.87 3.78 29.67
CA PRO A 392 28.08 4.34 30.26
C PRO A 392 28.93 4.96 29.14
N THR A 393 29.37 4.12 28.20
CA THR A 393 30.13 4.62 27.01
C THR A 393 29.29 4.39 25.75
N GLN A 394 29.63 5.01 24.62
CA GLN A 394 28.71 4.86 23.48
C GLN A 394 28.97 3.44 22.98
N ARG A 395 27.90 2.66 22.90
CA ARG A 395 27.96 1.26 22.52
C ARG A 395 26.63 0.89 21.83
N HIS A 396 26.72 -0.07 20.92
CA HIS A 396 25.55 -0.74 20.39
C HIS A 396 24.70 -1.32 21.52
N LEU A 397 23.41 -0.97 21.53
CA LEU A 397 22.41 -1.47 22.51
C LEU A 397 21.43 -2.46 21.89
N CYS A 398 20.80 -2.08 20.77
CA CYS A 398 19.84 -2.94 20.09
C CYS A 398 19.86 -2.85 18.56
N GLY A 399 19.23 -3.83 17.92
CA GLY A 399 18.87 -3.72 16.51
C GLY A 399 17.52 -3.04 16.42
N GLY A 400 17.22 -2.47 15.25
CA GLY A 400 15.88 -1.91 14.95
C GLY A 400 15.62 -1.89 13.45
N SER A 401 14.35 -1.71 13.08
CA SER A 401 13.95 -1.65 11.67
C SER A 401 13.26 -0.33 11.38
N ILE A 402 13.70 0.35 10.32
CA ILE A 402 13.00 1.54 9.80
C ILE A 402 11.69 1.05 9.20
N ILE A 403 10.58 1.58 9.68
CA ILE A 403 9.30 1.22 9.13
C ILE A 403 8.51 2.44 8.68
N GLY A 404 9.12 3.59 8.94
CA GLY A 404 8.61 4.90 8.65
C GLY A 404 9.79 5.84 8.49
N ASN A 405 9.46 7.07 8.13
CA ASN A 405 10.48 8.11 7.91
C ASN A 405 10.96 8.57 9.28
N GLN A 406 10.08 8.48 10.26
CA GLN A 406 10.31 8.95 11.65
C GLN A 406 10.10 7.81 12.64
N TRP A 407 10.09 6.55 12.20
CA TRP A 407 9.75 5.47 13.14
C TRP A 407 10.66 4.26 13.07
N ILE A 408 11.10 3.80 14.23
CA ILE A 408 11.86 2.54 14.36
C ILE A 408 11.03 1.55 15.11
N LEU A 409 11.01 0.34 14.62
CA LEU A 409 10.35 -0.73 15.34
C LEU A 409 11.42 -1.59 16.00
N THR A 410 11.21 -1.89 17.27
CA THR A 410 12.20 -2.65 18.01
C THR A 410 11.58 -3.30 19.23
N ALA A 411 12.46 -3.82 20.10
CA ALA A 411 12.02 -4.58 21.29
C ALA A 411 11.85 -3.66 22.52
N ALA A 412 10.78 -3.90 23.27
CA ALA A 412 10.55 -3.19 24.55
C ALA A 412 11.65 -3.44 25.60
N HIS A 413 12.15 -4.68 25.67
CA HIS A 413 13.15 -5.09 26.63
C HIS A 413 14.50 -4.41 26.42
N CYS A 414 14.74 -3.87 25.24
CA CYS A 414 15.94 -3.05 24.98
C CYS A 414 16.08 -1.83 25.89
N PHE A 415 14.98 -1.41 26.50
CA PHE A 415 14.92 -0.14 27.20
C PHE A 415 14.88 -0.27 28.72
N TYR A 416 15.39 -1.40 29.19
CA TYR A 416 15.48 -1.67 30.61
C TYR A 416 16.48 -0.67 31.17
N GLY A 417 15.99 0.13 32.10
CA GLY A 417 16.79 1.16 32.77
C GLY A 417 17.41 2.11 31.79
N VAL A 418 16.55 2.64 30.93
CA VAL A 418 16.84 3.73 29.98
C VAL A 418 15.90 4.80 30.53
N GLU A 419 16.43 5.90 31.02
CA GLU A 419 15.59 6.81 31.78
C GLU A 419 15.03 7.91 30.92
N SER A 420 15.72 8.25 29.83
CA SER A 420 15.14 9.14 28.82
C SER A 420 15.49 8.74 27.37
N PRO A 421 14.68 9.22 26.41
CA PRO A 421 15.02 9.05 25.00
C PRO A 421 16.33 9.71 24.67
N LYS A 422 16.70 10.71 25.45
CA LYS A 422 17.88 11.50 25.15
C LYS A 422 19.23 10.80 25.27
N ILE A 423 19.30 9.57 25.79
CA ILE A 423 20.58 8.82 25.77
C ILE A 423 20.71 7.95 24.52
N LEU A 424 19.65 7.92 23.73
CA LEU A 424 19.57 7.03 22.58
C LEU A 424 20.05 7.71 21.30
N ARG A 425 20.75 6.94 20.47
CA ARG A 425 21.22 7.38 19.17
C ARG A 425 20.98 6.29 18.11
N VAL A 426 20.18 6.60 17.08
CA VAL A 426 19.83 5.65 15.98
C VAL A 426 20.70 5.93 14.76
N TYR A 427 21.55 4.97 14.37
CA TYR A 427 22.33 5.09 13.12
C TYR A 427 21.74 4.21 12.01
N SER A 428 21.58 4.81 10.83
CA SER A 428 21.07 4.10 9.66
C SER A 428 22.19 3.92 8.68
N GLY A 429 22.00 2.96 7.78
CA GLY A 429 22.89 2.71 6.67
C GLY A 429 24.27 2.35 7.12
N ILE A 430 24.37 1.47 8.10
CA ILE A 430 25.67 1.13 8.69
C ILE A 430 26.06 -0.30 8.39
N LEU A 431 27.22 -0.47 7.75
CA LEU A 431 27.77 -1.80 7.52
C LEU A 431 28.59 -2.20 8.73
N ASN A 432 29.69 -1.48 8.92
CA ASN A 432 30.65 -1.74 9.99
C ASN A 432 30.25 -0.86 11.16
N GLN A 433 30.27 -1.40 12.37
CA GLN A 433 30.20 -0.55 13.58
C GLN A 433 31.40 0.42 13.66
N SER A 434 32.59 -0.09 13.36
CA SER A 434 33.82 0.70 13.10
C SER A 434 33.63 2.00 12.27
N GLU A 435 32.70 1.97 11.31
CA GLU A 435 32.27 3.15 10.51
C GLU A 435 31.74 4.31 11.37
N ILE A 436 31.19 3.98 12.53
CA ILE A 436 30.63 4.98 13.45
C ILE A 436 31.76 5.72 14.18
N LYS A 437 31.80 7.03 13.97
CA LYS A 437 32.75 7.94 14.59
C LYS A 437 31.97 9.07 15.26
N GLU A 438 32.69 9.94 15.97
CA GLU A 438 32.06 11.01 16.78
C GLU A 438 31.38 12.04 15.86
N ASP A 439 32.00 12.27 14.71
CA ASP A 439 31.49 13.18 13.66
C ASP A 439 30.30 12.62 12.87
N THR A 440 30.19 11.29 12.83
CA THR A 440 29.07 10.60 12.18
C THR A 440 27.72 11.18 12.57
N SER A 441 26.82 11.24 11.59
CA SER A 441 25.48 11.74 11.81
C SER A 441 24.56 10.57 12.23
N PHE A 442 23.57 10.90 13.07
CA PHE A 442 22.59 9.96 13.60
C PHE A 442 21.24 10.64 13.80
N PHE A 443 20.19 9.84 13.96
CA PHE A 443 18.85 10.34 14.37
C PHE A 443 18.69 10.21 15.90
N GLY A 444 18.27 11.30 16.53
CA GLY A 444 17.97 11.29 17.94
C GLY A 444 16.54 10.82 18.11
N VAL A 445 16.28 10.05 19.15
CA VAL A 445 14.92 9.57 19.44
C VAL A 445 14.19 10.67 20.20
N GLN A 446 12.91 10.84 19.92
CA GLN A 446 12.09 11.81 20.64
C GLN A 446 11.16 11.17 21.66
N GLU A 447 10.72 9.94 21.41
CA GLU A 447 9.75 9.26 22.28
C GLU A 447 9.89 7.75 22.20
N ILE A 448 9.77 7.11 23.35
CA ILE A 448 9.84 5.63 23.42
C ILE A 448 8.44 5.19 23.77
N ILE A 449 7.77 4.54 22.84
CA ILE A 449 6.40 4.04 23.13
C ILE A 449 6.54 2.55 23.38
N ILE A 450 6.38 2.14 24.63
CA ILE A 450 6.46 0.75 24.98
C ILE A 450 5.04 0.30 25.09
N HIS A 451 4.76 -0.97 24.76
CA HIS A 451 3.41 -1.48 24.90
C HIS A 451 3.08 -1.41 26.39
N ASP A 452 1.97 -0.75 26.71
CA ASP A 452 1.59 -0.58 28.11
C ASP A 452 1.44 -1.93 28.88
N GLN A 453 1.07 -3.02 28.20
CA GLN A 453 0.98 -4.35 28.80
C GLN A 453 2.29 -5.17 28.82
N TYR A 454 3.41 -4.59 28.40
CA TYR A 454 4.71 -5.28 28.47
C TYR A 454 5.21 -5.32 29.89
N LYS A 455 5.66 -6.50 30.31
CA LYS A 455 6.26 -6.72 31.62
C LYS A 455 7.65 -7.28 31.43
N MET A 456 7.69 -8.47 30.80
CA MET A 456 8.96 -9.21 30.58
C MET A 456 8.98 -9.82 29.19
N ALA A 457 10.17 -9.89 28.59
CA ALA A 457 10.34 -10.46 27.26
C ALA A 457 9.62 -11.81 27.07
N GLU A 458 9.77 -12.68 28.07
CA GLU A 458 9.27 -14.06 28.02
C GLU A 458 7.76 -14.14 28.27
N SER A 459 7.26 -13.00 28.73
CA SER A 459 5.80 -12.78 28.69
C SER A 459 5.52 -12.24 27.28
N GLY A 460 4.36 -11.68 27.07
CA GLY A 460 4.06 -11.12 25.74
C GLY A 460 4.69 -9.76 25.45
N TYR A 461 4.20 -9.13 24.41
CA TYR A 461 4.22 -7.67 24.26
C TYR A 461 5.58 -6.97 24.17
N ASP A 462 6.61 -7.69 23.76
CA ASP A 462 7.96 -7.13 23.68
C ASP A 462 8.10 -6.39 22.35
N ILE A 463 7.54 -5.17 22.34
CA ILE A 463 7.49 -4.32 21.17
C ILE A 463 7.62 -2.85 21.56
N ALA A 464 8.41 -2.12 20.79
CA ALA A 464 8.63 -0.71 21.04
C ALA A 464 8.75 0.07 19.70
N LEU A 465 8.21 1.29 19.70
CA LEU A 465 8.48 2.29 18.67
C LEU A 465 9.40 3.41 19.16
N LEU A 466 10.41 3.74 18.38
CA LEU A 466 11.16 4.98 18.53
C LEU A 466 10.61 5.99 17.53
N LYS A 467 10.11 7.11 18.06
CA LYS A 467 9.74 8.24 17.19
C LYS A 467 11.02 9.05 17.10
N LEU A 468 11.54 9.22 15.89
CA LEU A 468 12.80 9.94 15.72
C LEU A 468 12.59 11.44 15.84
N GLU A 469 13.67 12.18 16.09
CA GLU A 469 13.58 13.63 16.22
C GLU A 469 13.54 14.26 14.81
N THR A 470 14.43 13.81 13.92
CA THR A 470 14.35 14.20 12.51
C THR A 470 14.00 12.99 11.63
N THR A 471 13.37 13.26 10.48
CA THR A 471 12.90 12.22 9.54
C THR A 471 14.02 11.73 8.62
N VAL A 472 13.89 10.51 8.09
CA VAL A 472 14.93 9.93 7.25
C VAL A 472 14.74 10.29 5.76
N ASN A 473 15.78 10.85 5.15
CA ASN A 473 15.82 11.05 3.70
C ASN A 473 16.09 9.66 3.14
N TYR A 474 15.10 9.01 2.53
CA TYR A 474 15.27 7.63 2.05
C TYR A 474 16.27 7.46 0.92
N THR A 475 17.07 6.39 1.00
CA THR A 475 18.12 6.10 0.04
C THR A 475 18.39 4.59 -0.10
N ASP A 476 19.21 4.23 -1.08
CA ASP A 476 19.61 2.83 -1.32
C ASP A 476 20.20 2.25 -0.05
N SER A 477 20.84 3.12 0.75
CA SER A 477 21.34 2.78 2.07
C SER A 477 20.26 2.74 3.19
N GLN A 478 19.26 3.62 3.12
CA GLN A 478 18.26 3.78 4.19
C GLN A 478 16.84 3.71 3.63
N ARG A 479 16.17 2.60 3.86
CA ARG A 479 14.80 2.45 3.36
C ARG A 479 13.95 1.65 4.31
N PRO A 480 12.62 1.82 4.22
CA PRO A 480 11.75 1.07 5.10
C PRO A 480 11.40 -0.30 4.62
N ILE A 481 10.96 -1.13 5.56
CA ILE A 481 10.47 -2.49 5.37
C ILE A 481 8.97 -2.45 5.69
N CYS A 482 8.18 -3.30 5.04
CA CYS A 482 6.75 -3.31 5.17
C CYS A 482 6.35 -4.13 6.36
N LEU A 483 5.30 -3.66 7.05
CA LEU A 483 4.64 -4.44 8.05
C LEU A 483 3.89 -5.52 7.33
N PRO A 484 3.75 -6.69 7.96
CA PRO A 484 2.97 -7.71 7.30
C PRO A 484 1.50 -7.34 7.39
N SER A 485 0.75 -7.63 6.33
CA SER A 485 -0.67 -7.38 6.30
C SER A 485 -1.45 -8.35 7.14
N LYS A 486 -2.36 -7.82 7.95
CA LYS A 486 -3.37 -8.61 8.66
C LYS A 486 -4.10 -9.67 7.81
N GLY A 487 -4.29 -9.39 6.51
CA GLY A 487 -4.82 -10.41 5.58
C GLY A 487 -3.89 -11.55 5.18
N ASP A 488 -2.59 -11.31 5.30
CA ASP A 488 -1.55 -12.29 5.01
C ASP A 488 -1.24 -13.21 6.20
N ARG A 489 -2.20 -13.41 7.11
CA ARG A 489 -1.96 -14.20 8.34
C ARG A 489 -1.63 -15.67 8.11
N ASN A 490 -2.09 -16.27 7.01
CA ASN A 490 -1.78 -17.68 6.70
C ASN A 490 -0.69 -17.88 5.65
N VAL A 491 -0.05 -16.79 5.22
CA VAL A 491 1.09 -16.86 4.30
C VAL A 491 2.16 -17.74 4.92
N ILE A 492 2.69 -18.67 4.15
CA ILE A 492 3.78 -19.49 4.60
C ILE A 492 5.05 -18.82 4.09
N TYR A 493 5.80 -18.19 4.98
CA TYR A 493 7.04 -17.55 4.57
C TYR A 493 8.10 -18.65 4.55
N THR A 494 8.88 -18.67 3.48
CA THR A 494 9.94 -19.64 3.24
C THR A 494 11.31 -19.00 2.90
N ASP A 495 11.39 -17.67 2.85
CA ASP A 495 12.65 -16.96 2.61
C ASP A 495 12.81 -15.90 3.74
N CYS A 496 13.02 -16.40 4.97
CA CYS A 496 13.27 -15.56 6.17
C CYS A 496 14.73 -15.41 6.66
N TRP A 497 15.07 -14.20 7.07
CA TRP A 497 16.46 -13.88 7.39
C TRP A 497 16.51 -13.06 8.68
N VAL A 498 17.56 -13.26 9.47
CA VAL A 498 17.86 -12.34 10.57
C VAL A 498 19.14 -11.60 10.28
N THR A 499 19.19 -10.35 10.72
CA THR A 499 20.34 -9.51 10.56
C THR A 499 20.65 -8.81 11.87
N GLY A 500 21.93 -8.51 12.05
CA GLY A 500 22.39 -7.71 13.17
C GLY A 500 23.84 -7.92 13.48
N TRP A 501 24.23 -7.43 14.65
CA TRP A 501 25.61 -7.50 15.13
C TRP A 501 25.86 -8.39 16.39
N GLY A 502 25.09 -9.46 16.57
CA GLY A 502 25.40 -10.50 17.58
C GLY A 502 24.79 -10.41 18.99
N TYR A 503 24.27 -9.23 19.37
CA TYR A 503 23.79 -8.92 20.74
C TYR A 503 22.40 -9.48 21.08
N ASP A 508 27.47 -9.46 27.02
CA ASP A 508 27.40 -10.34 25.85
C ASP A 508 28.49 -10.01 24.84
N LYS A 509 28.57 -10.84 23.78
CA LYS A 509 29.51 -10.59 22.69
C LYS A 509 28.89 -9.90 21.48
N ILE A 510 29.74 -9.24 20.67
CA ILE A 510 29.29 -8.39 19.54
C ILE A 510 30.30 -8.46 18.38
N GLN A 511 29.82 -8.18 17.17
CA GLN A 511 30.64 -8.19 15.96
C GLN A 511 30.59 -6.83 15.26
N ASN A 512 31.53 -6.62 14.32
CA ASN A 512 31.75 -5.33 13.67
C ASN A 512 31.02 -5.20 12.33
N THR A 513 31.31 -6.13 11.43
CA THR A 513 30.58 -6.24 10.17
C THR A 513 29.17 -6.78 10.47
N LEU A 514 28.17 -6.12 9.88
CA LEU A 514 26.77 -6.56 9.98
C LEU A 514 26.64 -8.00 9.48
N GLN A 515 26.07 -8.87 10.29
CA GLN A 515 25.92 -10.24 9.88
C GLN A 515 24.54 -10.50 9.35
N LYS A 516 24.42 -11.55 8.56
CA LYS A 516 23.16 -11.99 7.93
C LYS A 516 23.06 -13.51 7.94
N ALA A 517 21.84 -14.01 7.95
CA ALA A 517 21.63 -15.43 8.05
C ALA A 517 20.22 -15.79 7.63
N LYS A 518 20.10 -16.56 6.55
CA LYS A 518 18.82 -17.15 6.21
C LYS A 518 18.50 -18.17 7.29
N ILE A 519 17.32 -18.06 7.91
CA ILE A 519 16.92 -19.03 8.90
C ILE A 519 15.47 -19.43 8.72
N PRO A 520 15.11 -20.65 9.13
CA PRO A 520 13.77 -21.14 8.86
C PRO A 520 12.83 -20.78 9.96
N LEU A 521 11.61 -20.43 9.59
CA LEU A 521 10.53 -20.33 10.56
C LEU A 521 10.29 -21.68 11.20
N VAL A 522 9.74 -21.71 12.40
CA VAL A 522 9.30 -22.96 12.99
C VAL A 522 7.96 -22.71 13.60
N THR A 523 7.10 -23.71 13.54
CA THR A 523 5.74 -23.57 13.96
C THR A 523 5.67 -23.34 15.46
N ASN A 524 4.62 -22.63 15.87
CA ASN A 524 4.43 -22.23 17.27
C ASN A 524 4.33 -23.42 18.21
N GLU A 525 3.74 -24.52 17.75
CA GLU A 525 3.67 -25.76 18.56
C GLU A 525 4.95 -26.63 18.47
N GLU A 526 5.70 -26.58 17.37
CA GLU A 526 7.05 -27.20 17.33
C GLU A 526 8.00 -26.43 18.24
N CYS A 527 7.71 -25.15 18.46
CA CYS A 527 8.46 -24.31 19.37
C CYS A 527 8.08 -24.57 20.83
N GLN A 528 6.77 -24.63 21.09
CA GLN A 528 6.23 -24.86 22.44
C GLN A 528 6.72 -26.17 23.06
N LYS A 529 6.82 -27.20 22.24
CA LYS A 529 7.30 -28.50 22.72
C LYS A 529 8.76 -28.43 23.17
N ARG A 530 9.52 -27.50 22.58
CA ARG A 530 10.93 -27.33 22.94
C ARG A 530 11.18 -26.22 23.96
N TYR A 531 10.10 -25.73 24.58
CA TYR A 531 10.18 -24.67 25.59
C TYR A 531 9.01 -24.64 26.55
N ARG A 532 9.27 -24.89 27.82
CA ARG A 532 8.19 -24.81 28.79
C ARG A 532 8.60 -23.92 29.95
N GLY A 533 7.62 -23.42 30.69
CA GLY A 533 7.91 -22.60 31.85
C GLY A 533 7.08 -21.33 31.79
N HIS A 534 7.12 -20.71 30.62
CA HIS A 534 6.16 -19.68 30.21
C HIS A 534 5.60 -20.16 28.87
N LYS A 535 4.38 -19.70 28.54
CA LYS A 535 3.68 -20.12 27.32
C LYS A 535 4.10 -19.29 26.12
N ILE A 536 4.45 -19.97 25.03
CA ILE A 536 4.52 -19.37 23.69
C ILE A 536 3.09 -19.14 23.23
N THR A 537 2.82 -17.98 22.62
CA THR A 537 1.46 -17.62 22.20
C THR A 537 1.38 -17.19 20.73
N HIS A 538 0.14 -17.14 20.22
CA HIS A 538 -0.17 -16.54 18.90
C HIS A 538 0.57 -15.23 18.60
N LYS A 539 0.76 -14.41 19.63
CA LYS A 539 1.53 -13.16 19.54
C LYS A 539 3.06 -13.35 19.56
N MET A 540 3.55 -14.58 19.42
CA MET A 540 5.00 -14.84 19.21
C MET A 540 5.23 -15.71 17.97
N ILE A 541 6.48 -15.83 17.57
CA ILE A 541 6.83 -16.72 16.46
C ILE A 541 8.28 -17.10 16.63
N CYS A 542 8.63 -18.22 16.04
CA CYS A 542 9.90 -18.84 16.29
C CYS A 542 10.62 -19.13 15.00
N ALA A 543 11.91 -19.30 15.13
CA ALA A 543 12.77 -19.66 14.02
C ALA A 543 14.11 -20.13 14.56
N GLY A 544 14.90 -20.79 13.72
CA GLY A 544 16.17 -21.39 14.14
C GLY A 544 16.52 -22.62 13.31
N TYR A 545 17.82 -22.94 13.29
CA TYR A 545 18.44 -24.06 12.54
C TYR A 545 19.01 -23.53 11.20
N LYS A 554 23.96 -14.69 13.74
CA LYS A 554 22.69 -14.25 14.31
C LYS A 554 22.68 -12.74 14.62
N GLY A 555 21.64 -12.29 15.30
CA GLY A 555 21.44 -10.87 15.57
C GLY A 555 21.13 -10.49 17.02
N ASP A 556 20.66 -9.25 17.14
CA ASP A 556 20.57 -8.55 18.40
C ASP A 556 19.15 -8.55 18.91
N SER A 557 18.98 -8.31 20.19
CA SER A 557 17.69 -7.84 20.72
C SER A 557 17.12 -6.69 19.86
N GLY A 558 15.83 -6.70 19.61
CA GLY A 558 15.20 -5.66 18.80
C GLY A 558 15.27 -5.82 17.28
N GLY A 559 16.16 -6.69 16.80
CA GLY A 559 16.40 -6.82 15.37
C GLY A 559 15.29 -7.52 14.59
N PRO A 560 15.30 -7.35 13.27
CA PRO A 560 14.25 -7.88 12.40
C PRO A 560 14.44 -9.34 12.02
N LEU A 561 13.34 -10.07 12.10
CA LEU A 561 13.11 -11.27 11.29
C LEU A 561 12.38 -10.79 9.98
N SER A 562 13.18 -10.62 8.92
CA SER A 562 12.73 -10.09 7.62
C SER A 562 12.43 -11.22 6.66
N CYS A 563 11.18 -11.40 6.27
CA CYS A 563 10.84 -12.46 5.30
C CYS A 563 10.52 -11.91 3.89
N LYS A 564 11.17 -12.45 2.85
CA LYS A 564 10.91 -12.05 1.45
C LYS A 564 9.83 -12.91 0.87
N HIS A 565 8.78 -12.27 0.40
CA HIS A 565 7.60 -12.92 -0.14
C HIS A 565 7.11 -12.08 -1.33
N ASN A 566 7.00 -12.74 -2.50
CA ASN A 566 6.50 -12.12 -3.74
C ASN A 566 7.22 -10.83 -4.08
N GLU A 567 8.56 -10.89 -3.99
CA GLU A 567 9.44 -9.73 -4.29
C GLU A 567 9.47 -8.59 -3.25
N VAL A 568 8.81 -8.77 -2.11
CA VAL A 568 8.68 -7.72 -1.09
C VAL A 568 9.21 -8.26 0.23
N TRP A 569 9.92 -7.43 0.97
CA TRP A 569 10.38 -7.79 2.31
C TRP A 569 9.35 -7.40 3.33
N HIS A 570 9.05 -8.33 4.27
CA HIS A 570 8.13 -8.15 5.39
C HIS A 570 8.86 -8.23 6.76
N LEU A 571 8.48 -7.37 7.69
CA LEU A 571 8.98 -7.43 9.08
C LEU A 571 8.07 -8.37 9.85
N VAL A 572 8.40 -9.65 9.86
CA VAL A 572 7.53 -10.65 10.46
C VAL A 572 7.79 -10.74 11.97
N GLY A 573 9.04 -10.59 12.39
CA GLY A 573 9.36 -10.73 13.79
C GLY A 573 10.36 -9.74 14.29
N ILE A 574 10.29 -9.44 15.59
CA ILE A 574 11.35 -8.73 16.30
C ILE A 574 11.98 -9.74 17.27
N THR A 575 13.30 -9.84 17.23
CA THR A 575 14.10 -10.65 18.16
C THR A 575 13.79 -10.30 19.60
N SER A 576 13.29 -11.28 20.34
CA SER A 576 12.84 -11.08 21.71
C SER A 576 13.79 -11.87 22.66
N TRP A 577 13.77 -13.21 22.61
CA TRP A 577 14.64 -14.07 23.44
C TRP A 577 15.10 -15.35 22.75
N GLY A 578 16.42 -15.49 22.56
CA GLY A 578 17.00 -16.69 21.97
C GLY A 578 16.99 -17.91 22.86
N GLU A 579 17.60 -17.78 24.04
CA GLU A 579 17.79 -18.92 24.97
C GLU A 579 18.61 -20.09 24.34
N GLY A 580 19.77 -19.74 23.77
CA GLY A 580 20.66 -20.71 23.14
C GLY A 580 21.90 -20.09 22.52
N GLU A 585 19.39 -27.91 19.29
CA GLU A 585 19.27 -26.45 19.35
C GLU A 585 17.84 -26.01 19.72
N ARG A 586 17.71 -25.03 20.62
CA ARG A 586 16.42 -24.37 20.90
C ARG A 586 16.29 -23.10 20.03
N PRO A 587 15.15 -22.91 19.34
CA PRO A 587 14.98 -21.80 18.40
C PRO A 587 14.75 -20.43 19.05
N GLY A 588 15.13 -19.35 18.35
CA GLY A 588 14.79 -18.00 18.79
C GLY A 588 13.30 -17.73 18.82
N VAL A 589 12.85 -17.02 19.84
CA VAL A 589 11.46 -16.53 19.93
C VAL A 589 11.41 -15.05 19.59
N TYR A 590 10.40 -14.68 18.81
CA TYR A 590 10.30 -13.37 18.20
C TYR A 590 8.96 -12.78 18.53
N THR A 591 8.88 -11.45 18.62
CA THR A 591 7.55 -10.83 18.71
C THR A 591 6.86 -10.96 17.35
N ASN A 592 5.62 -11.44 17.34
CA ASN A 592 4.84 -11.67 16.10
C ASN A 592 4.19 -10.37 15.62
N VAL A 593 4.94 -9.61 14.83
CA VAL A 593 4.58 -8.25 14.42
C VAL A 593 3.14 -8.11 13.86
N VAL A 594 2.72 -9.11 13.10
CA VAL A 594 1.38 -9.14 12.51
C VAL A 594 0.28 -8.92 13.53
N GLU A 595 0.46 -9.46 14.72
CA GLU A 595 -0.52 -9.33 15.79
C GLU A 595 -0.54 -7.98 16.48
N TYR A 596 0.44 -7.12 16.18
CA TYR A 596 0.51 -5.77 16.71
C TYR A 596 0.31 -4.69 15.61
N VAL A 597 -0.42 -5.02 14.54
CA VAL A 597 -0.58 -4.09 13.42
C VAL A 597 -1.53 -2.98 13.82
N ASP A 598 -2.68 -3.32 14.36
CA ASP A 598 -3.58 -2.28 14.88
C ASP A 598 -2.82 -1.32 15.78
N TRP A 599 -2.11 -1.90 16.73
CA TRP A 599 -1.30 -1.13 17.68
C TRP A 599 -0.27 -0.21 17.01
N ILE A 600 0.51 -0.74 16.06
CA ILE A 600 1.53 0.07 15.40
C ILE A 600 0.83 1.23 14.73
N LEU A 601 -0.31 0.97 14.06
CA LEU A 601 -1.03 2.00 13.30
C LEU A 601 -1.72 3.03 14.21
N GLU A 602 -2.47 2.53 15.18
CA GLU A 602 -2.96 3.32 16.31
C GLU A 602 -1.91 4.34 16.81
N LYS A 603 -0.68 3.89 17.07
CA LYS A 603 0.36 4.77 17.67
C LYS A 603 1.07 5.66 16.67
N THR A 604 1.05 5.30 15.39
CA THR A 604 1.85 6.03 14.37
C THR A 604 1.04 6.96 13.50
N GLN A 605 -0.27 6.70 13.34
CA GLN A 605 -1.17 7.54 12.54
C GLN A 605 -0.98 7.25 11.03
#